data_7D0Y
#
_entry.id   7D0Y
#
loop_
_entity.id
_entity.type
_entity.pdbx_description
1 polymer "DNA (5'-D(*(DCZ)P*(5CM)P*TP*GP*CP*(5CM)P*TP*G)-3')"
2 non-polymer 'SODIUM ION'
#
_entity_poly.entity_id   1
_entity_poly.type   'polydeoxyribonucleotide'
_entity_poly.pdbx_seq_one_letter_code
;(DCZ)(5CM)(DT)(DG)(DC)(5CM)(DT)(DG)
;
_entity_poly.pdbx_strand_id   A
#